data_1PG2
#
_entry.id   1PG2
#
_cell.length_a   77.787
_cell.length_b   45.742
_cell.length_c   87.510
_cell.angle_alpha   90.00
_cell.angle_beta   108.48
_cell.angle_gamma   90.00
#
_symmetry.space_group_name_H-M   'P 1 21 1'
#
loop_
_entity.id
_entity.type
_entity.pdbx_description
1 polymer 'Methionyl-tRNA synthetase'
2 non-polymer ADENOSINE
3 non-polymer METHIONINE
4 water water
#
_entity_poly.entity_id   1
_entity_poly.type   'polypeptide(L)'
_entity_poly.pdbx_seq_one_letter_code
;TQVAKKILVTCALPYANGSIHLGHMLEHIQADVWVRYQRMRGHEVNFICADDAHGTPIMLKAQQLGITPEQMIGEMSQEH
QTDFAGFNISYDNYHSTHSEENRQLSELIYSRLKENGFIKNRTISQLYDPEKGMFLPDRFVKGTCPKCKSPDQYGDNCEV
CGATYSPTELIEPKSVVSGATPVMRDSEHFFFDLPSFSEMLQAWTRSGALQEQVANKMQEWFESGLQQWDISRDAPYFGF
EIPNAPGKYFYVWLDAPIGYMGSFKNLCDKRGDSVSFDEYWKKDSTAELYHFIGKDIVYFHSLFWPAMLEGSNFRKPSNL
FVHGYVTVNGAKMSKSRGTFIKASTWLNHFDADSLRYYYTAKLSSRIDDIDLNLEDFVQRVNADIVNKVVNLASRNAGFI
NKRFDGVLASELADPQLYKTFTDAAEVIGEAWESREFGKAVREIMALADLANRYVDEQAPWVVAKQEGRDADLQAICSMG
INLFRVLMTYLKPVLPKLTERAEAFLNTELTWDGIQQPLLGHKVNPFKALYNRIDMRQVEALVEASKEEVK
;
_entity_poly.pdbx_strand_id   A
#
# COMPACT_ATOMS: atom_id res chain seq x y z
N ALA A 4 5.92 2.39 -20.80
CA ALA A 4 4.63 2.62 -20.11
C ALA A 4 3.85 1.32 -19.92
N LYS A 5 3.99 0.73 -18.74
CA LYS A 5 3.31 -0.53 -18.43
C LYS A 5 1.88 -0.28 -17.97
N LYS A 6 1.06 -1.33 -18.02
CA LYS A 6 -0.31 -1.26 -17.56
C LYS A 6 -0.33 -2.18 -16.34
N ILE A 7 -0.60 -1.59 -15.18
CA ILE A 7 -0.58 -2.34 -13.93
C ILE A 7 -1.86 -2.26 -13.11
N LEU A 8 -2.31 -3.40 -12.61
CA LEU A 8 -3.50 -3.46 -11.76
C LEU A 8 -2.99 -4.01 -10.42
N VAL A 9 -3.11 -3.21 -9.37
CA VAL A 9 -2.66 -3.60 -8.04
C VAL A 9 -3.83 -3.63 -7.07
N THR A 10 -3.84 -4.64 -6.19
CA THR A 10 -4.91 -4.77 -5.21
C THR A 10 -4.36 -5.02 -3.82
N CYS A 11 -5.19 -4.77 -2.82
CA CYS A 11 -4.88 -5.07 -1.43
C CYS A 11 -6.00 -6.05 -1.07
N ALA A 12 -5.79 -6.91 -0.08
CA ALA A 12 -6.82 -7.85 0.30
C ALA A 12 -8.08 -7.07 0.67
N LEU A 13 -9.25 -7.66 0.44
CA LEU A 13 -10.52 -7.00 0.74
C LEU A 13 -10.85 -7.19 2.21
N PRO A 14 -10.85 -6.10 2.99
CA PRO A 14 -11.15 -6.20 4.42
C PRO A 14 -12.59 -6.67 4.67
N TYR A 15 -12.78 -7.55 5.65
CA TYR A 15 -14.12 -8.03 5.97
C TYR A 15 -14.92 -6.88 6.58
N ALA A 16 -16.19 -6.79 6.22
CA ALA A 16 -17.05 -5.74 6.73
C ALA A 16 -17.60 -6.06 8.12
N ASN A 17 -16.78 -6.70 8.96
CA ASN A 17 -17.22 -7.08 10.30
C ASN A 17 -16.36 -6.48 11.42
N GLY A 18 -15.57 -5.46 11.10
CA GLY A 18 -14.73 -4.84 12.11
C GLY A 18 -14.03 -3.62 11.57
N SER A 19 -13.49 -2.81 12.48
CA SER A 19 -12.78 -1.59 12.10
C SER A 19 -11.37 -1.90 11.61
N ILE A 20 -10.82 -0.99 10.82
CA ILE A 20 -9.47 -1.10 10.30
C ILE A 20 -8.50 -0.80 11.44
N HIS A 21 -7.48 -1.64 11.61
CA HIS A 21 -6.50 -1.41 12.66
C HIS A 21 -5.09 -1.26 12.05
N LEU A 22 -4.08 -1.01 12.88
CA LEU A 22 -2.73 -0.82 12.38
C LEU A 22 -2.15 -2.01 11.61
N GLY A 23 -2.66 -3.20 11.88
CA GLY A 23 -2.19 -4.38 11.17
C GLY A 23 -2.63 -4.28 9.72
N HIS A 24 -3.89 -3.93 9.50
CA HIS A 24 -4.41 -3.76 8.15
C HIS A 24 -3.64 -2.65 7.45
N MET A 25 -3.31 -1.59 8.19
CA MET A 25 -2.63 -0.47 7.59
C MET A 25 -1.24 -0.79 7.04
N LEU A 26 -0.57 -1.80 7.59
CA LEU A 26 0.75 -2.15 7.07
C LEU A 26 0.60 -2.53 5.60
N GLU A 27 -0.42 -3.33 5.31
CA GLU A 27 -0.67 -3.81 3.97
C GLU A 27 -1.04 -2.69 2.99
N HIS A 28 -1.96 -1.82 3.41
CA HIS A 28 -2.39 -0.74 2.52
C HIS A 28 -1.31 0.29 2.30
N ILE A 29 -0.51 0.58 3.32
CA ILE A 29 0.58 1.53 3.18
C ILE A 29 1.66 0.93 2.29
N GLN A 30 1.99 -0.34 2.49
CA GLN A 30 3.03 -0.97 1.67
C GLN A 30 2.63 -0.88 0.19
N ALA A 31 1.39 -1.23 -0.10
CA ALA A 31 0.89 -1.19 -1.47
C ALA A 31 0.85 0.23 -2.00
N ASP A 32 0.41 1.19 -1.17
CA ASP A 32 0.33 2.56 -1.62
C ASP A 32 1.68 3.16 -1.99
N VAL A 33 2.71 2.88 -1.19
CA VAL A 33 4.03 3.40 -1.50
C VAL A 33 4.50 2.85 -2.86
N TRP A 34 4.31 1.55 -3.08
CA TRP A 34 4.71 0.93 -4.34
C TRP A 34 3.93 1.56 -5.50
N VAL A 35 2.62 1.69 -5.33
CA VAL A 35 1.75 2.27 -6.35
C VAL A 35 2.15 3.70 -6.70
N ARG A 36 2.37 4.53 -5.68
CA ARG A 36 2.77 5.91 -5.95
C ARG A 36 4.10 5.97 -6.69
N TYR A 37 5.01 5.05 -6.38
CA TYR A 37 6.30 5.06 -7.09
C TYR A 37 6.08 4.67 -8.54
N GLN A 38 5.23 3.68 -8.79
CA GLN A 38 4.96 3.25 -10.16
C GLN A 38 4.33 4.38 -10.96
N ARG A 39 3.45 5.17 -10.32
CA ARG A 39 2.84 6.28 -11.03
C ARG A 39 3.89 7.36 -11.32
N MET A 40 4.84 7.52 -10.41
CA MET A 40 5.90 8.52 -10.60
C MET A 40 6.79 8.15 -11.79
N ARG A 41 6.87 6.87 -12.11
CA ARG A 41 7.69 6.44 -13.23
C ARG A 41 6.91 6.45 -14.55
N GLY A 42 5.70 7.01 -14.52
CA GLY A 42 4.89 7.13 -15.72
C GLY A 42 4.03 5.99 -16.20
N HIS A 43 3.88 4.94 -15.40
CA HIS A 43 3.07 3.79 -15.81
C HIS A 43 1.58 4.02 -15.55
N GLU A 44 0.76 3.26 -16.25
CA GLU A 44 -0.69 3.33 -16.09
C GLU A 44 -1.00 2.38 -14.95
N VAL A 45 -1.37 2.93 -13.80
CA VAL A 45 -1.62 2.10 -12.63
C VAL A 45 -3.07 2.18 -12.15
N ASN A 46 -3.64 1.03 -11.83
CA ASN A 46 -4.99 0.94 -11.29
C ASN A 46 -4.89 0.24 -9.94
N PHE A 47 -5.09 1.01 -8.88
CA PHE A 47 -5.00 0.53 -7.49
C PHE A 47 -6.45 0.30 -7.05
N ILE A 48 -6.76 -0.96 -6.80
CA ILE A 48 -8.11 -1.41 -6.48
C ILE A 48 -8.32 -2.15 -5.16
N CYS A 49 -9.46 -1.91 -4.51
CA CYS A 49 -9.79 -2.64 -3.30
C CYS A 49 -11.30 -2.65 -3.14
N ALA A 50 -11.79 -3.23 -2.04
CA ALA A 50 -13.21 -3.29 -1.79
C ALA A 50 -13.44 -4.00 -0.46
N ASP A 51 -14.64 -3.85 0.09
CA ASP A 51 -14.98 -4.52 1.33
C ASP A 51 -15.47 -5.94 0.99
N ASP A 52 -15.07 -6.93 1.79
CA ASP A 52 -15.48 -8.32 1.63
C ASP A 52 -16.73 -8.36 2.50
N ALA A 53 -17.91 -8.30 1.87
CA ALA A 53 -19.16 -8.22 2.61
C ALA A 53 -20.09 -9.41 2.73
N HIS A 54 -19.62 -10.61 2.43
CA HIS A 54 -20.47 -11.79 2.51
C HIS A 54 -20.03 -12.80 3.56
N GLY A 55 -20.85 -13.84 3.74
CA GLY A 55 -20.52 -14.91 4.67
C GLY A 55 -20.86 -14.79 6.14
N THR A 56 -20.45 -15.82 6.88
CA THR A 56 -20.67 -15.92 8.32
C THR A 56 -20.04 -14.76 9.10
N PRO A 57 -18.84 -14.32 8.71
CA PRO A 57 -18.22 -13.20 9.43
C PRO A 57 -19.16 -12.00 9.51
N ILE A 58 -19.81 -11.68 8.40
CA ILE A 58 -20.74 -10.55 8.35
C ILE A 58 -22.06 -10.88 9.03
N MET A 59 -22.57 -12.09 8.78
CA MET A 59 -23.82 -12.52 9.38
C MET A 59 -23.73 -12.48 10.90
N LEU A 60 -22.64 -12.99 11.44
CA LEU A 60 -22.43 -13.02 12.88
C LEU A 60 -22.43 -11.61 13.49
N LYS A 61 -21.63 -10.72 12.93
CA LYS A 61 -21.56 -9.35 13.43
C LYS A 61 -22.91 -8.65 13.34
N ALA A 62 -23.58 -8.80 12.20
CA ALA A 62 -24.88 -8.17 12.01
C ALA A 62 -25.84 -8.58 13.13
N GLN A 63 -25.81 -9.85 13.51
CA GLN A 63 -26.67 -10.36 14.57
C GLN A 63 -26.37 -9.70 15.91
N GLN A 64 -25.10 -9.69 16.28
CA GLN A 64 -24.64 -9.12 17.55
C GLN A 64 -25.26 -7.76 17.88
N LEU A 65 -25.11 -6.79 16.99
CA LEU A 65 -25.67 -5.46 17.25
C LEU A 65 -27.09 -5.33 16.71
N GLY A 66 -27.75 -6.47 16.50
CA GLY A 66 -29.11 -6.46 16.00
C GLY A 66 -29.37 -5.51 14.85
N ILE A 67 -28.74 -5.79 13.71
CA ILE A 67 -28.90 -4.96 12.52
C ILE A 67 -28.78 -5.82 11.26
N THR A 68 -29.44 -5.40 10.19
CA THR A 68 -29.41 -6.13 8.94
C THR A 68 -28.05 -5.98 8.26
N PRO A 69 -27.57 -7.06 7.60
CA PRO A 69 -26.27 -7.04 6.93
C PRO A 69 -26.11 -5.87 5.95
N GLU A 70 -27.13 -5.62 5.13
CA GLU A 70 -27.07 -4.53 4.16
C GLU A 70 -26.83 -3.19 4.83
N GLN A 71 -27.43 -2.98 5.99
CA GLN A 71 -27.24 -1.73 6.72
C GLN A 71 -25.83 -1.69 7.28
N MET A 72 -25.41 -2.79 7.90
CA MET A 72 -24.08 -2.87 8.49
C MET A 72 -22.97 -2.71 7.46
N ILE A 73 -23.01 -3.49 6.38
CA ILE A 73 -21.95 -3.39 5.39
C ILE A 73 -21.87 -1.99 4.82
N GLY A 74 -23.01 -1.30 4.76
CA GLY A 74 -23.02 0.06 4.24
C GLY A 74 -22.23 0.98 5.15
N GLU A 75 -22.49 0.90 6.46
CA GLU A 75 -21.80 1.73 7.42
C GLU A 75 -20.33 1.35 7.52
N MET A 76 -20.05 0.05 7.45
CA MET A 76 -18.67 -0.44 7.51
C MET A 76 -17.87 0.07 6.33
N SER A 77 -18.46 0.00 5.14
CA SER A 77 -17.81 0.48 3.94
C SER A 77 -17.37 1.93 4.08
N GLN A 78 -18.28 2.76 4.58
CA GLN A 78 -17.99 4.19 4.77
C GLN A 78 -16.90 4.42 5.80
N GLU A 79 -16.94 3.67 6.90
CA GLU A 79 -15.94 3.81 7.95
C GLU A 79 -14.57 3.39 7.43
N HIS A 80 -14.52 2.27 6.72
CA HIS A 80 -13.25 1.78 6.17
C HIS A 80 -12.65 2.79 5.21
N GLN A 81 -13.46 3.28 4.27
CA GLN A 81 -12.96 4.24 3.30
C GLN A 81 -12.50 5.54 3.92
N THR A 82 -13.18 5.97 4.98
CA THR A 82 -12.78 7.20 5.65
C THR A 82 -11.38 7.00 6.23
N ASP A 83 -11.15 5.86 6.88
CA ASP A 83 -9.85 5.58 7.48
C ASP A 83 -8.74 5.46 6.44
N PHE A 84 -9.00 4.75 5.34
CA PHE A 84 -7.98 4.61 4.31
C PHE A 84 -7.69 5.99 3.68
N ALA A 85 -8.72 6.82 3.54
CA ALA A 85 -8.53 8.15 2.97
C ALA A 85 -7.69 8.98 3.93
N GLY A 86 -7.88 8.75 5.22
CA GLY A 86 -7.11 9.46 6.23
C GLY A 86 -5.63 9.13 6.17
N PHE A 87 -5.31 7.94 5.66
CA PHE A 87 -3.91 7.55 5.54
C PHE A 87 -3.39 7.79 4.12
N ASN A 88 -4.22 8.44 3.32
CA ASN A 88 -3.88 8.79 1.94
C ASN A 88 -3.56 7.57 1.08
N ILE A 89 -4.35 6.52 1.23
CA ILE A 89 -4.18 5.32 0.40
C ILE A 89 -4.90 5.71 -0.90
N SER A 90 -4.13 5.89 -1.97
CA SER A 90 -4.65 6.37 -3.26
C SER A 90 -5.39 5.41 -4.20
N TYR A 91 -6.44 4.76 -3.71
CA TYR A 91 -7.17 3.84 -4.58
C TYR A 91 -7.85 4.56 -5.72
N ASP A 92 -7.89 3.89 -6.87
CA ASP A 92 -8.56 4.43 -8.04
C ASP A 92 -10.03 4.00 -7.91
N ASN A 93 -10.25 2.92 -7.16
CA ASN A 93 -11.61 2.44 -6.90
C ASN A 93 -11.66 1.56 -5.65
N TYR A 94 -12.67 1.80 -4.82
CA TYR A 94 -12.90 1.00 -3.62
C TYR A 94 -14.37 0.60 -3.77
N HIS A 95 -14.62 -0.68 -4.02
CA HIS A 95 -15.97 -1.16 -4.25
C HIS A 95 -16.48 -2.11 -3.16
N SER A 96 -17.22 -3.13 -3.56
CA SER A 96 -17.77 -4.11 -2.61
C SER A 96 -17.96 -5.44 -3.29
N THR A 97 -17.83 -6.53 -2.52
CA THR A 97 -18.05 -7.87 -3.09
C THR A 97 -19.56 -8.06 -3.21
N HIS A 98 -20.32 -7.23 -2.50
CA HIS A 98 -21.77 -7.31 -2.56
C HIS A 98 -22.20 -6.26 -3.56
N SER A 99 -22.05 -6.61 -4.83
CA SER A 99 -22.40 -5.69 -5.91
C SER A 99 -22.85 -6.47 -7.13
N GLU A 100 -23.50 -5.77 -8.05
CA GLU A 100 -23.98 -6.40 -9.27
C GLU A 100 -22.80 -6.88 -10.09
N GLU A 101 -21.72 -6.09 -10.10
CA GLU A 101 -20.53 -6.46 -10.84
C GLU A 101 -19.96 -7.79 -10.36
N ASN A 102 -19.85 -7.94 -9.05
CA ASN A 102 -19.30 -9.18 -8.51
C ASN A 102 -20.25 -10.36 -8.71
N ARG A 103 -21.56 -10.09 -8.65
CA ARG A 103 -22.54 -11.16 -8.83
C ARG A 103 -22.47 -11.70 -10.26
N GLN A 104 -22.39 -10.81 -11.23
CA GLN A 104 -22.34 -11.20 -12.63
C GLN A 104 -21.06 -11.96 -12.95
N LEU A 105 -19.93 -11.48 -12.44
CA LEU A 105 -18.66 -12.12 -12.68
C LEU A 105 -18.54 -13.46 -11.95
N SER A 106 -19.14 -13.56 -10.76
CA SER A 106 -19.10 -14.80 -10.00
C SER A 106 -19.92 -15.85 -10.76
N GLU A 107 -21.06 -15.43 -11.27
CA GLU A 107 -21.91 -16.34 -12.03
C GLU A 107 -21.24 -16.74 -13.34
N LEU A 108 -20.54 -15.80 -13.96
CA LEU A 108 -19.85 -16.07 -15.22
C LEU A 108 -18.75 -17.10 -15.02
N ILE A 109 -17.88 -16.85 -14.04
CA ILE A 109 -16.78 -17.77 -13.75
C ILE A 109 -17.30 -19.13 -13.32
N TYR A 110 -18.34 -19.15 -12.49
CA TYR A 110 -18.90 -20.42 -12.07
C TYR A 110 -19.45 -21.18 -13.29
N SER A 111 -20.18 -20.47 -14.14
CA SER A 111 -20.75 -21.09 -15.34
C SER A 111 -19.68 -21.65 -16.26
N ARG A 112 -18.58 -20.93 -16.41
CA ARG A 112 -17.50 -21.41 -17.28
C ARG A 112 -16.79 -22.61 -16.67
N LEU A 113 -16.60 -22.59 -15.34
CA LEU A 113 -15.95 -23.71 -14.67
C LEU A 113 -16.82 -24.97 -14.79
N LYS A 114 -18.11 -24.82 -14.53
CA LYS A 114 -19.03 -25.94 -14.62
C LYS A 114 -19.06 -26.49 -16.04
N GLU A 115 -19.18 -25.61 -17.02
CA GLU A 115 -19.23 -26.02 -18.42
C GLU A 115 -17.93 -26.72 -18.84
N ASN A 116 -16.80 -26.26 -18.30
CA ASN A 116 -15.50 -26.83 -18.62
C ASN A 116 -15.20 -28.09 -17.82
N GLY A 117 -16.16 -28.51 -16.99
CA GLY A 117 -16.00 -29.71 -16.20
C GLY A 117 -15.22 -29.62 -14.91
N PHE A 118 -15.05 -28.42 -14.36
CA PHE A 118 -14.29 -28.25 -13.13
C PHE A 118 -15.15 -28.15 -11.87
N ILE A 119 -16.46 -28.35 -12.01
CA ILE A 119 -17.36 -28.31 -10.86
C ILE A 119 -17.95 -29.69 -10.63
N LYS A 120 -17.84 -30.19 -9.40
CA LYS A 120 -18.35 -31.51 -9.04
C LYS A 120 -19.39 -31.40 -7.93
N ASN A 121 -20.36 -32.32 -7.92
CA ASN A 121 -21.41 -32.30 -6.91
C ASN A 121 -21.41 -33.55 -6.03
N ARG A 122 -21.60 -33.33 -4.73
CA ARG A 122 -21.65 -34.42 -3.76
C ARG A 122 -22.44 -34.04 -2.52
N THR A 123 -23.04 -35.04 -1.87
CA THR A 123 -23.82 -34.81 -0.66
C THR A 123 -22.92 -34.99 0.57
N ILE A 124 -23.26 -34.31 1.66
CA ILE A 124 -22.48 -34.40 2.87
C ILE A 124 -23.37 -34.25 4.11
N SER A 125 -22.80 -34.52 5.28
CA SER A 125 -23.54 -34.41 6.53
C SER A 125 -22.94 -33.31 7.41
N ARG A 185 -27.38 -33.75 9.40
CA ARG A 185 -28.27 -33.50 8.27
C ARG A 185 -27.49 -33.50 6.97
N ASP A 186 -28.11 -33.98 5.90
CA ASP A 186 -27.46 -34.05 4.60
C ASP A 186 -27.80 -32.86 3.71
N SER A 187 -26.96 -32.63 2.70
CA SER A 187 -27.16 -31.53 1.76
C SER A 187 -26.15 -31.65 0.62
N GLU A 188 -26.60 -31.36 -0.60
CA GLU A 188 -25.73 -31.42 -1.76
C GLU A 188 -24.87 -30.17 -1.85
N HIS A 189 -23.57 -30.36 -2.08
CA HIS A 189 -22.65 -29.25 -2.22
C HIS A 189 -21.91 -29.30 -3.54
N PHE A 190 -21.38 -28.16 -3.96
CA PHE A 190 -20.65 -28.05 -5.21
C PHE A 190 -19.17 -27.83 -4.89
N PHE A 191 -18.31 -28.58 -5.57
CA PHE A 191 -16.87 -28.50 -5.35
C PHE A 191 -16.07 -28.09 -6.57
N PHE A 192 -15.03 -27.29 -6.36
CA PHE A 192 -14.16 -26.85 -7.43
C PHE A 192 -13.04 -27.89 -7.51
N ASP A 193 -12.81 -28.41 -8.71
CA ASP A 193 -11.80 -29.44 -8.94
C ASP A 193 -10.37 -28.92 -9.05
N LEU A 194 -9.87 -28.37 -7.95
CA LEU A 194 -8.52 -27.82 -7.90
C LEU A 194 -7.43 -28.81 -8.34
N PRO A 195 -7.56 -30.09 -7.98
CA PRO A 195 -6.56 -31.09 -8.37
C PRO A 195 -6.21 -31.17 -9.86
N SER A 196 -7.15 -30.79 -10.72
CA SER A 196 -6.89 -30.84 -12.15
C SER A 196 -5.99 -29.72 -12.63
N PHE A 197 -5.63 -28.80 -11.74
CA PHE A 197 -4.74 -27.69 -12.10
C PHE A 197 -3.36 -27.79 -11.48
N SER A 198 -3.08 -28.90 -10.81
CA SER A 198 -1.79 -29.11 -10.15
C SER A 198 -0.55 -28.87 -11.00
N GLU A 199 -0.49 -29.50 -12.17
CA GLU A 199 0.68 -29.33 -13.03
C GLU A 199 0.88 -27.88 -13.46
N MET A 200 -0.20 -27.23 -13.87
CA MET A 200 -0.14 -25.84 -14.31
C MET A 200 0.32 -24.93 -13.16
N LEU A 201 -0.22 -25.18 -11.97
CA LEU A 201 0.14 -24.39 -10.80
C LEU A 201 1.60 -24.60 -10.44
N GLN A 202 2.05 -25.84 -10.58
CA GLN A 202 3.46 -26.17 -10.30
C GLN A 202 4.37 -25.36 -11.22
N ALA A 203 4.06 -25.36 -12.51
CA ALA A 203 4.84 -24.61 -13.49
C ALA A 203 4.81 -23.11 -13.20
N TRP A 204 3.61 -22.59 -12.95
CA TRP A 204 3.42 -21.16 -12.65
C TRP A 204 4.22 -20.79 -11.40
N THR A 205 4.12 -21.64 -10.38
CA THR A 205 4.82 -21.42 -9.12
C THR A 205 6.33 -21.31 -9.33
N ARG A 206 6.87 -22.18 -10.17
CA ARG A 206 8.31 -22.22 -10.44
C ARG A 206 8.78 -21.28 -11.53
N SER A 207 7.97 -20.31 -11.92
CA SER A 207 8.36 -19.40 -12.99
C SER A 207 9.15 -18.16 -12.56
N GLY A 208 9.85 -18.29 -11.44
CA GLY A 208 10.69 -17.21 -10.93
C GLY A 208 10.03 -15.91 -10.50
N ALA A 209 8.71 -15.92 -10.33
CA ALA A 209 8.01 -14.70 -9.92
C ALA A 209 7.79 -14.58 -8.42
N LEU A 210 7.21 -15.62 -7.83
CA LEU A 210 6.89 -15.62 -6.40
C LEU A 210 8.08 -15.51 -5.44
N GLN A 211 7.80 -15.02 -4.23
CA GLN A 211 8.81 -14.88 -3.19
C GLN A 211 9.29 -16.27 -2.80
N GLU A 212 10.59 -16.42 -2.54
CA GLU A 212 11.16 -17.70 -2.16
C GLU A 212 10.39 -18.38 -1.02
N GLN A 213 10.14 -17.64 0.06
CA GLN A 213 9.42 -18.19 1.20
C GLN A 213 8.04 -18.69 0.78
N VAL A 214 7.43 -18.01 -0.19
CA VAL A 214 6.11 -18.42 -0.67
C VAL A 214 6.21 -19.65 -1.57
N ALA A 215 7.18 -19.64 -2.47
CA ALA A 215 7.38 -20.77 -3.38
C ALA A 215 7.60 -22.05 -2.58
N ASN A 216 8.34 -21.92 -1.48
CA ASN A 216 8.64 -23.08 -0.64
C ASN A 216 7.41 -23.55 0.13
N LYS A 217 6.59 -22.62 0.58
CA LYS A 217 5.38 -22.97 1.33
C LYS A 217 4.42 -23.73 0.42
N MET A 218 4.31 -23.28 -0.82
CA MET A 218 3.42 -23.92 -1.78
C MET A 218 3.86 -25.36 -2.04
N GLN A 219 5.18 -25.60 -2.10
CA GLN A 219 5.68 -26.95 -2.33
C GLN A 219 5.17 -27.89 -1.25
N GLU A 220 5.09 -27.40 -0.02
CA GLU A 220 4.59 -28.20 1.09
C GLU A 220 3.13 -28.56 0.80
N TRP A 221 2.39 -27.59 0.26
CA TRP A 221 0.99 -27.82 -0.04
C TRP A 221 0.82 -28.79 -1.20
N PHE A 222 1.71 -28.71 -2.20
CA PHE A 222 1.65 -29.61 -3.35
C PHE A 222 1.93 -31.04 -2.91
N GLU A 223 2.85 -31.20 -1.97
CA GLU A 223 3.20 -32.52 -1.46
C GLU A 223 2.07 -33.12 -0.63
N SER A 224 1.32 -32.27 0.07
CA SER A 224 0.21 -32.72 0.89
C SER A 224 -0.96 -33.11 0.00
N GLY A 225 -0.89 -32.70 -1.26
CA GLY A 225 -1.95 -33.03 -2.20
C GLY A 225 -3.11 -32.05 -2.19
N LEU A 226 -3.44 -31.52 -3.36
CA LEU A 226 -4.55 -30.59 -3.47
C LEU A 226 -5.85 -31.38 -3.42
N GLN A 227 -6.89 -30.79 -2.87
CA GLN A 227 -8.20 -31.45 -2.77
C GLN A 227 -9.26 -30.59 -3.43
N GLN A 228 -10.42 -31.17 -3.69
CA GLN A 228 -11.51 -30.42 -4.29
C GLN A 228 -11.98 -29.45 -3.21
N TRP A 229 -12.42 -28.27 -3.62
CA TRP A 229 -12.84 -27.24 -2.67
C TRP A 229 -14.35 -27.00 -2.64
N ASP A 230 -14.92 -27.11 -1.44
CA ASP A 230 -16.36 -26.91 -1.25
C ASP A 230 -16.66 -25.43 -1.41
N ILE A 231 -17.32 -25.07 -2.52
CA ILE A 231 -17.64 -23.67 -2.79
C ILE A 231 -19.12 -23.32 -2.62
N SER A 232 -19.89 -24.17 -1.96
CA SER A 232 -21.31 -23.89 -1.77
C SER A 232 -21.71 -23.90 -0.30
N ARG A 233 -22.71 -23.09 0.02
CA ARG A 233 -23.24 -23.00 1.39
C ARG A 233 -24.76 -22.95 1.30
N ASP A 234 -25.44 -23.50 2.31
CA ASP A 234 -26.90 -23.52 2.31
C ASP A 234 -27.53 -22.32 3.00
N ALA A 235 -28.75 -21.99 2.60
CA ALA A 235 -29.48 -20.88 3.20
C ALA A 235 -29.78 -21.25 4.64
N PRO A 236 -29.90 -20.26 5.54
CA PRO A 236 -29.77 -18.82 5.27
C PRO A 236 -28.30 -18.41 5.21
N TYR A 237 -27.97 -17.61 4.19
CA TYR A 237 -26.60 -17.17 4.01
C TYR A 237 -26.60 -15.83 3.29
N PHE A 238 -25.76 -14.91 3.74
CA PHE A 238 -25.69 -13.61 3.09
C PHE A 238 -24.63 -13.71 2.00
N GLY A 239 -25.08 -13.90 0.76
CA GLY A 239 -24.15 -14.02 -0.36
C GLY A 239 -24.89 -14.11 -1.68
N PHE A 240 -24.24 -14.66 -2.69
CA PHE A 240 -24.83 -14.80 -4.02
C PHE A 240 -25.43 -16.18 -4.22
N GLU A 241 -26.66 -16.22 -4.75
CA GLU A 241 -27.32 -17.49 -5.00
C GLU A 241 -26.69 -18.17 -6.22
N ILE A 242 -26.52 -19.48 -6.13
CA ILE A 242 -25.92 -20.23 -7.23
C ILE A 242 -26.97 -20.50 -8.31
N PRO A 243 -26.67 -20.15 -9.57
CA PRO A 243 -27.63 -20.38 -10.66
C PRO A 243 -27.99 -21.86 -10.80
N ASN A 244 -29.26 -22.14 -11.05
CA ASN A 244 -29.74 -23.50 -11.23
C ASN A 244 -29.64 -24.35 -9.95
N ALA A 245 -29.49 -23.70 -8.79
CA ALA A 245 -29.39 -24.43 -7.53
C ALA A 245 -30.12 -23.71 -6.40
N PRO A 246 -31.46 -23.86 -6.35
CA PRO A 246 -32.30 -23.24 -5.32
C PRO A 246 -31.86 -23.52 -3.90
N GLY A 247 -31.73 -22.46 -3.10
CA GLY A 247 -31.33 -22.61 -1.72
C GLY A 247 -29.83 -22.73 -1.52
N LYS A 248 -29.07 -22.67 -2.61
CA LYS A 248 -27.61 -22.77 -2.53
C LYS A 248 -26.95 -21.43 -2.81
N TYR A 249 -25.90 -21.13 -2.06
CA TYR A 249 -25.15 -19.87 -2.19
C TYR A 249 -23.67 -20.11 -2.35
N PHE A 250 -22.99 -19.18 -3.01
CA PHE A 250 -21.55 -19.29 -3.21
C PHE A 250 -20.84 -19.00 -1.89
N TYR A 251 -19.88 -19.83 -1.53
CA TYR A 251 -19.11 -19.63 -0.31
C TYR A 251 -18.41 -18.29 -0.46
N VAL A 252 -18.34 -17.51 0.63
CA VAL A 252 -17.72 -16.19 0.57
C VAL A 252 -16.34 -16.16 -0.11
N TRP A 253 -15.49 -17.14 0.19
CA TRP A 253 -14.16 -17.13 -0.40
C TRP A 253 -14.11 -17.41 -1.90
N LEU A 254 -15.25 -17.78 -2.48
CA LEU A 254 -15.31 -18.02 -3.91
C LEU A 254 -15.51 -16.67 -4.59
N ASP A 255 -16.46 -15.88 -4.08
CA ASP A 255 -16.74 -14.59 -4.67
C ASP A 255 -15.80 -13.47 -4.24
N ALA A 256 -15.15 -13.63 -3.07
CA ALA A 256 -14.26 -12.59 -2.56
C ALA A 256 -13.15 -12.18 -3.54
N PRO A 257 -12.31 -13.15 -3.99
CA PRO A 257 -11.27 -12.72 -4.92
C PRO A 257 -11.87 -12.22 -6.24
N ILE A 258 -13.03 -12.73 -6.62
CA ILE A 258 -13.68 -12.27 -7.84
C ILE A 258 -14.05 -10.80 -7.61
N GLY A 259 -14.05 -10.39 -6.34
CA GLY A 259 -14.33 -9.01 -5.98
C GLY A 259 -13.27 -8.07 -6.53
N TYR A 260 -12.09 -8.60 -6.82
CA TYR A 260 -11.02 -7.78 -7.40
C TYR A 260 -11.48 -7.40 -8.81
N MET A 261 -11.98 -8.39 -9.53
CA MET A 261 -12.49 -8.18 -10.88
C MET A 261 -13.72 -7.28 -10.86
N GLY A 262 -14.61 -7.52 -9.90
CA GLY A 262 -15.82 -6.71 -9.79
C GLY A 262 -15.50 -5.26 -9.56
N SER A 263 -14.49 -4.99 -8.73
CA SER A 263 -14.11 -3.63 -8.44
C SER A 263 -13.48 -2.95 -9.67
N PHE A 264 -12.75 -3.72 -10.47
CA PHE A 264 -12.14 -3.14 -11.66
C PHE A 264 -13.23 -2.90 -12.72
N LYS A 265 -14.19 -3.82 -12.84
CA LYS A 265 -15.26 -3.64 -13.82
C LYS A 265 -16.05 -2.39 -13.47
N ASN A 266 -16.29 -2.20 -12.17
CA ASN A 266 -17.02 -1.03 -11.70
C ASN A 266 -16.28 0.23 -12.12
N LEU A 267 -14.96 0.23 -11.91
CA LEU A 267 -14.15 1.38 -12.29
C LEU A 267 -14.24 1.64 -13.80
N CYS A 268 -14.10 0.59 -14.59
CA CYS A 268 -14.16 0.74 -16.05
C CYS A 268 -15.51 1.29 -16.48
N ASP A 269 -16.58 0.77 -15.86
CA ASP A 269 -17.92 1.23 -16.18
C ASP A 269 -18.11 2.69 -15.79
N LYS A 270 -17.53 3.11 -14.66
CA LYS A 270 -17.65 4.50 -14.23
C LYS A 270 -16.92 5.43 -15.19
N ARG A 271 -15.81 4.94 -15.75
CA ARG A 271 -15.03 5.72 -16.70
C ARG A 271 -15.61 5.62 -18.11
N GLY A 272 -16.63 4.79 -18.27
CA GLY A 272 -17.22 4.61 -19.58
C GLY A 272 -16.21 3.93 -20.50
N ASP A 273 -15.32 3.16 -19.87
CA ASP A 273 -14.26 2.43 -20.56
C ASP A 273 -14.76 1.03 -20.89
N SER A 274 -14.92 0.72 -22.18
CA SER A 274 -15.41 -0.59 -22.59
C SER A 274 -14.35 -1.55 -23.10
N VAL A 275 -13.09 -1.16 -23.01
CA VAL A 275 -12.03 -2.05 -23.51
C VAL A 275 -11.05 -2.52 -22.45
N SER A 276 -10.79 -1.69 -21.45
CA SER A 276 -9.82 -2.03 -20.41
C SER A 276 -10.05 -3.32 -19.63
N PHE A 277 -11.29 -3.61 -19.25
CA PHE A 277 -11.52 -4.81 -18.46
C PHE A 277 -10.96 -6.04 -19.16
N ASP A 278 -11.31 -6.22 -20.43
CA ASP A 278 -10.80 -7.38 -21.16
C ASP A 278 -9.30 -7.30 -21.40
N GLU A 279 -8.78 -6.08 -21.60
CA GLU A 279 -7.35 -5.95 -21.84
C GLU A 279 -6.54 -6.39 -20.62
N TYR A 280 -7.10 -6.19 -19.43
CA TYR A 280 -6.41 -6.56 -18.19
C TYR A 280 -6.67 -7.98 -17.71
N TRP A 281 -7.83 -8.53 -18.03
CA TRP A 281 -8.15 -9.86 -17.54
C TRP A 281 -8.17 -11.01 -18.54
N LYS A 282 -8.10 -10.70 -19.83
CA LYS A 282 -8.11 -11.74 -20.85
C LYS A 282 -6.89 -12.64 -20.69
N LYS A 283 -7.02 -13.89 -21.14
CA LYS A 283 -5.96 -14.89 -21.04
C LYS A 283 -4.55 -14.43 -21.47
N ASP A 284 -4.42 -13.82 -22.63
CA ASP A 284 -3.11 -13.38 -23.07
C ASP A 284 -2.82 -11.91 -22.81
N SER A 285 -3.33 -11.40 -21.69
CA SER A 285 -3.11 -10.01 -21.34
C SER A 285 -1.64 -9.69 -21.13
N THR A 286 -1.21 -8.52 -21.57
CA THR A 286 0.17 -8.11 -21.38
C THR A 286 0.24 -7.13 -20.21
N ALA A 287 -0.92 -6.86 -19.60
CA ALA A 287 -0.98 -5.98 -18.44
C ALA A 287 -0.51 -6.81 -17.25
N GLU A 288 -0.02 -6.13 -16.23
CA GLU A 288 0.48 -6.83 -15.03
C GLU A 288 -0.56 -6.77 -13.92
N LEU A 289 -0.71 -7.87 -13.19
CA LEU A 289 -1.68 -7.99 -12.09
C LEU A 289 -0.97 -8.41 -10.82
N TYR A 290 -1.03 -7.55 -9.80
CA TYR A 290 -0.37 -7.86 -8.53
C TYR A 290 -1.32 -7.77 -7.35
N HIS A 291 -1.17 -8.71 -6.42
CA HIS A 291 -1.98 -8.78 -5.21
C HIS A 291 -1.12 -8.66 -3.96
N PHE A 292 -1.37 -7.65 -3.15
CA PHE A 292 -0.66 -7.49 -1.88
C PHE A 292 -1.55 -8.18 -0.85
N ILE A 293 -1.00 -9.13 -0.12
CA ILE A 293 -1.76 -9.90 0.87
C ILE A 293 -0.90 -10.33 2.06
N GLY A 294 -1.56 -10.74 3.14
CA GLY A 294 -0.85 -11.21 4.31
C GLY A 294 -0.58 -12.69 4.16
N LYS A 295 0.35 -13.23 4.94
CA LYS A 295 0.70 -14.64 4.83
C LYS A 295 -0.40 -15.62 5.21
N ASP A 296 -1.45 -15.14 5.88
CA ASP A 296 -2.55 -16.01 6.28
C ASP A 296 -3.57 -16.33 5.17
N ILE A 297 -3.51 -15.62 4.05
CA ILE A 297 -4.45 -15.91 2.96
C ILE A 297 -3.75 -16.28 1.65
N VAL A 298 -2.52 -16.75 1.78
CA VAL A 298 -1.75 -17.14 0.60
C VAL A 298 -2.33 -18.35 -0.12
N TYR A 299 -2.93 -19.27 0.63
CA TYR A 299 -3.48 -20.48 0.02
C TYR A 299 -4.57 -20.14 -1.01
N PHE A 300 -5.47 -19.24 -0.64
CA PHE A 300 -6.56 -18.84 -1.53
C PHE A 300 -6.05 -18.11 -2.75
N HIS A 301 -5.01 -17.30 -2.58
CA HIS A 301 -4.47 -16.50 -3.66
C HIS A 301 -3.45 -17.19 -4.57
N SER A 302 -2.82 -18.26 -4.09
CA SER A 302 -1.82 -18.95 -4.88
C SER A 302 -2.26 -20.28 -5.48
N LEU A 303 -3.37 -20.81 -4.99
CA LEU A 303 -3.90 -22.08 -5.48
C LEU A 303 -5.33 -21.96 -6.01
N PHE A 304 -6.31 -21.75 -5.14
CA PHE A 304 -7.71 -21.64 -5.58
C PHE A 304 -7.92 -20.58 -6.66
N TRP A 305 -7.48 -19.36 -6.34
CA TRP A 305 -7.64 -18.20 -7.24
C TRP A 305 -7.04 -18.37 -8.63
N PRO A 306 -5.74 -18.69 -8.74
CA PRO A 306 -5.15 -18.86 -10.07
C PRO A 306 -5.83 -19.99 -10.88
N ALA A 307 -6.28 -21.02 -10.17
CA ALA A 307 -6.95 -22.14 -10.83
C ALA A 307 -8.33 -21.73 -11.32
N MET A 308 -9.06 -20.97 -10.50
CA MET A 308 -10.39 -20.49 -10.90
C MET A 308 -10.27 -19.65 -12.19
N LEU A 309 -9.26 -18.81 -12.24
CA LEU A 309 -9.03 -17.95 -13.40
C LEU A 309 -8.66 -18.77 -14.64
N GLU A 310 -7.74 -19.71 -14.47
CA GLU A 310 -7.30 -20.56 -15.56
C GLU A 310 -8.48 -21.31 -16.18
N GLY A 311 -9.30 -21.92 -15.32
CA GLY A 311 -10.44 -22.68 -15.79
C GLY A 311 -11.57 -21.89 -16.41
N SER A 312 -11.55 -20.56 -16.26
CA SER A 312 -12.60 -19.71 -16.82
C SER A 312 -12.10 -18.78 -17.92
N ASN A 313 -10.95 -19.13 -18.49
CA ASN A 313 -10.36 -18.36 -19.59
C ASN A 313 -9.89 -16.96 -19.24
N PHE A 314 -9.42 -16.78 -18.00
CA PHE A 314 -8.91 -15.48 -17.58
C PHE A 314 -7.43 -15.63 -17.23
N ARG A 315 -6.72 -14.50 -17.22
CA ARG A 315 -5.29 -14.50 -16.89
C ARG A 315 -5.11 -14.69 -15.38
N LYS A 316 -3.94 -15.19 -15.00
CA LYS A 316 -3.60 -15.41 -13.59
C LYS A 316 -2.77 -14.22 -13.11
N PRO A 317 -2.60 -14.09 -11.79
CA PRO A 317 -1.80 -12.98 -11.26
C PRO A 317 -0.36 -13.01 -11.80
N SER A 318 0.23 -11.84 -12.00
CA SER A 318 1.61 -11.77 -12.47
C SER A 318 2.45 -12.12 -11.26
N ASN A 319 1.98 -11.70 -10.08
CA ASN A 319 2.72 -12.00 -8.88
C ASN A 319 1.92 -11.70 -7.63
N LEU A 320 2.34 -12.34 -6.54
CA LEU A 320 1.72 -12.13 -5.23
C LEU A 320 2.83 -11.52 -4.37
N PHE A 321 2.50 -10.43 -3.68
CA PHE A 321 3.45 -9.77 -2.81
C PHE A 321 2.92 -10.00 -1.39
N VAL A 322 3.55 -10.92 -0.67
CA VAL A 322 3.11 -11.27 0.67
C VAL A 322 3.91 -10.59 1.78
N HIS A 323 3.21 -10.14 2.81
CA HIS A 323 3.87 -9.48 3.94
C HIS A 323 3.59 -10.21 5.25
N GLY A 324 4.38 -9.90 6.27
CA GLY A 324 4.21 -10.52 7.57
C GLY A 324 3.22 -9.75 8.43
N TYR A 325 3.22 -10.05 9.72
CA TYR A 325 2.29 -9.39 10.65
C TYR A 325 2.90 -8.22 11.40
N VAL A 326 2.04 -7.31 11.84
CA VAL A 326 2.50 -6.17 12.62
C VAL A 326 2.40 -6.56 14.08
N THR A 327 3.46 -6.27 14.84
CA THR A 327 3.44 -6.52 16.27
C THR A 327 3.65 -5.13 16.85
N VAL A 328 3.26 -4.94 18.11
CA VAL A 328 3.48 -3.65 18.75
C VAL A 328 4.26 -3.97 20.01
N ASN A 329 5.36 -3.25 20.18
CA ASN A 329 6.27 -3.45 21.30
C ASN A 329 6.71 -4.92 21.40
N GLY A 330 6.90 -5.53 20.23
CA GLY A 330 7.37 -6.91 20.17
C GLY A 330 6.33 -8.02 20.29
N ALA A 331 5.10 -7.68 20.64
CA ALA A 331 4.07 -8.69 20.80
C ALA A 331 2.84 -8.42 19.94
N LYS A 332 2.01 -9.46 19.79
CA LYS A 332 0.77 -9.32 19.04
C LYS A 332 0.01 -8.19 19.72
N MET A 333 -0.82 -7.45 18.97
CA MET A 333 -1.58 -6.36 19.56
C MET A 333 -2.41 -6.86 20.74
N SER A 334 -2.44 -6.05 21.80
CA SER A 334 -3.14 -6.39 23.03
C SER A 334 -4.14 -5.33 23.47
N LYS A 335 -5.42 -5.70 23.52
CA LYS A 335 -6.46 -4.77 23.91
C LYS A 335 -6.27 -4.26 25.34
N SER A 336 -5.97 -5.17 26.27
CA SER A 336 -5.76 -4.77 27.66
C SER A 336 -4.59 -3.82 27.85
N ARG A 337 -3.54 -3.97 27.03
CA ARG A 337 -2.36 -3.11 27.13
C ARG A 337 -2.49 -1.84 26.31
N GLY A 338 -3.53 -1.76 25.48
CA GLY A 338 -3.72 -0.57 24.67
C GLY A 338 -2.86 -0.55 23.42
N THR A 339 -2.43 -1.72 22.97
CA THR A 339 -1.61 -1.81 21.76
C THR A 339 -2.42 -2.30 20.55
N PHE A 340 -3.70 -2.55 20.76
CA PHE A 340 -4.60 -2.93 19.67
C PHE A 340 -5.13 -1.57 19.26
N ILE A 341 -4.49 -0.99 18.25
CA ILE A 341 -4.80 0.36 17.80
C ILE A 341 -5.55 0.46 16.49
N LYS A 342 -6.70 1.12 16.53
CA LYS A 342 -7.53 1.31 15.33
C LYS A 342 -6.92 2.42 14.49
N ALA A 343 -7.13 2.35 13.18
CA ALA A 343 -6.61 3.36 12.28
C ALA A 343 -7.18 4.74 12.62
N SER A 344 -8.47 4.79 12.94
CA SER A 344 -9.10 6.07 13.28
C SER A 344 -8.48 6.66 14.54
N THR A 345 -8.22 5.82 15.53
CA THR A 345 -7.63 6.28 16.79
C THR A 345 -6.24 6.84 16.56
N TRP A 346 -5.44 6.16 15.75
CA TRP A 346 -4.09 6.62 15.46
C TRP A 346 -4.13 8.07 14.97
N LEU A 347 -4.99 8.34 14.00
CA LEU A 347 -5.09 9.66 13.40
C LEU A 347 -5.52 10.77 14.36
N ASN A 348 -6.11 10.39 15.51
CA ASN A 348 -6.52 11.39 16.51
C ASN A 348 -5.28 11.92 17.21
N HIS A 349 -4.20 11.13 17.20
CA HIS A 349 -2.96 11.49 17.89
C HIS A 349 -1.76 11.85 17.02
N PHE A 350 -1.63 11.16 15.89
CA PHE A 350 -0.51 11.40 14.99
C PHE A 350 -1.00 11.58 13.57
N ASP A 351 -0.11 12.00 12.67
CA ASP A 351 -0.51 12.15 11.27
C ASP A 351 -0.25 10.82 10.57
N ALA A 352 -0.64 10.72 9.31
CA ALA A 352 -0.45 9.48 8.56
C ALA A 352 1.00 9.27 8.17
N ASP A 353 1.67 10.35 7.76
CA ASP A 353 3.07 10.27 7.32
C ASP A 353 4.00 9.59 8.31
N SER A 354 3.79 9.86 9.61
CA SER A 354 4.66 9.26 10.64
C SER A 354 4.65 7.73 10.58
N LEU A 355 3.46 7.13 10.55
CA LEU A 355 3.34 5.68 10.49
C LEU A 355 3.81 5.16 9.13
N ARG A 356 3.46 5.88 8.07
CA ARG A 356 3.87 5.46 6.74
C ARG A 356 5.40 5.36 6.69
N TYR A 357 6.07 6.37 7.24
CA TYR A 357 7.52 6.37 7.25
C TYR A 357 8.09 5.22 8.08
N TYR A 358 7.58 5.07 9.30
CA TYR A 358 8.07 4.03 10.19
C TYR A 358 7.96 2.63 9.56
N TYR A 359 6.79 2.30 9.03
CA TYR A 359 6.56 1.01 8.39
C TYR A 359 7.51 0.82 7.20
N THR A 360 7.59 1.85 6.35
CA THR A 360 8.43 1.81 5.15
C THR A 360 9.90 1.59 5.49
N ALA A 361 10.37 2.19 6.58
CA ALA A 361 11.76 2.04 6.99
C ALA A 361 12.06 0.61 7.40
N LYS A 362 11.05 -0.14 7.82
CA LYS A 362 11.24 -1.52 8.24
C LYS A 362 10.82 -2.60 7.25
N LEU A 363 10.08 -2.22 6.21
CA LEU A 363 9.61 -3.19 5.22
C LEU A 363 10.68 -3.67 4.24
N SER A 364 10.51 -4.90 3.78
CA SER A 364 11.45 -5.48 2.82
C SER A 364 10.65 -6.37 1.86
N SER A 365 11.35 -7.11 1.01
CA SER A 365 10.68 -7.98 0.05
C SER A 365 10.34 -9.34 0.67
N ARG A 366 10.71 -9.53 1.93
CA ARG A 366 10.45 -10.80 2.62
C ARG A 366 9.13 -10.78 3.39
N ILE A 367 8.72 -11.95 3.89
CA ILE A 367 7.47 -12.09 4.64
C ILE A 367 7.63 -11.91 6.16
N ASP A 368 8.71 -11.26 6.58
CA ASP A 368 8.96 -11.06 8.01
C ASP A 368 7.98 -10.11 8.71
N ASP A 369 7.76 -10.36 10.00
CA ASP A 369 6.88 -9.53 10.81
C ASP A 369 7.49 -8.15 10.95
N ILE A 370 6.65 -7.14 11.11
CA ILE A 370 7.09 -5.75 11.27
C ILE A 370 6.71 -5.27 12.66
N ASP A 371 7.70 -4.85 13.44
CA ASP A 371 7.43 -4.39 14.80
C ASP A 371 7.32 -2.88 14.99
N LEU A 372 6.17 -2.44 15.49
CA LEU A 372 5.99 -1.03 15.77
C LEU A 372 6.38 -0.84 17.24
N ASN A 373 7.64 -0.50 17.48
CA ASN A 373 8.11 -0.25 18.84
C ASN A 373 7.81 1.22 19.06
N LEU A 374 6.80 1.49 19.90
CA LEU A 374 6.36 2.85 20.16
C LEU A 374 7.45 3.83 20.59
N GLU A 375 8.38 3.37 21.42
CA GLU A 375 9.48 4.21 21.87
C GLU A 375 10.35 4.58 20.67
N ASP A 376 10.71 3.57 19.89
CA ASP A 376 11.54 3.76 18.71
C ASP A 376 10.84 4.64 17.68
N PHE A 377 9.51 4.56 17.67
CA PHE A 377 8.70 5.35 16.75
C PHE A 377 8.99 6.85 16.89
N VAL A 378 8.85 7.36 18.10
CA VAL A 378 9.12 8.78 18.34
C VAL A 378 10.55 9.17 17.99
N GLN A 379 11.52 8.36 18.44
CA GLN A 379 12.92 8.64 18.17
C GLN A 379 13.25 8.64 16.69
N ARG A 380 12.71 7.67 15.95
CA ARG A 380 12.99 7.56 14.52
C ARG A 380 12.37 8.68 13.69
N VAL A 381 11.12 9.02 13.98
CA VAL A 381 10.44 10.08 13.25
C VAL A 381 11.15 11.42 13.44
N ASN A 382 11.52 11.73 14.67
CA ASN A 382 12.21 12.99 14.95
C ASN A 382 13.62 13.04 14.36
N ALA A 383 14.34 11.92 14.48
CA ALA A 383 15.70 11.83 13.99
C ALA A 383 15.82 11.90 12.47
N ASP A 384 14.98 11.15 11.78
CA ASP A 384 15.03 11.10 10.33
C ASP A 384 14.25 12.20 9.60
N ILE A 385 12.95 12.30 9.87
CA ILE A 385 12.13 13.29 9.19
C ILE A 385 12.43 14.73 9.62
N VAL A 386 12.44 14.97 10.93
CA VAL A 386 12.68 16.33 11.43
C VAL A 386 14.13 16.77 11.42
N ASN A 387 15.01 15.99 12.02
CA ASN A 387 16.42 16.35 12.11
C ASN A 387 17.31 16.14 10.89
N LYS A 388 16.89 15.31 9.94
CA LYS A 388 17.73 15.10 8.77
C LYS A 388 17.19 15.74 7.50
N VAL A 389 15.97 15.34 7.13
CA VAL A 389 15.35 15.85 5.91
C VAL A 389 14.80 17.27 5.99
N VAL A 390 13.78 17.47 6.82
CA VAL A 390 13.17 18.79 6.96
C VAL A 390 14.19 19.84 7.42
N ASN A 391 15.10 19.43 8.30
CA ASN A 391 16.12 20.32 8.83
C ASN A 391 16.97 20.92 7.70
N LEU A 392 17.16 20.15 6.65
CA LEU A 392 17.95 20.59 5.51
C LEU A 392 17.33 21.82 4.87
N ALA A 393 16.00 21.87 4.85
CA ALA A 393 15.29 22.98 4.25
C ALA A 393 15.21 24.18 5.19
N SER A 394 14.80 23.94 6.43
CA SER A 394 14.65 25.01 7.41
C SER A 394 15.95 25.75 7.75
N ARG A 395 17.07 25.05 7.70
CA ARG A 395 18.36 25.68 8.03
C ARG A 395 18.92 26.53 6.90
N ASN A 396 18.38 26.37 5.70
CA ASN A 396 18.85 27.11 4.54
C ASN A 396 17.84 28.14 4.02
N ALA A 397 16.56 27.89 4.27
CA ALA A 397 15.49 28.77 3.81
C ALA A 397 15.51 30.16 4.41
N GLY A 398 15.94 30.28 5.65
CA GLY A 398 15.98 31.58 6.30
C GLY A 398 16.84 32.58 5.55
N PHE A 399 18.09 32.24 5.31
CA PHE A 399 18.99 33.12 4.59
C PHE A 399 18.46 33.47 3.20
N ILE A 400 17.88 32.49 2.52
CA ILE A 400 17.36 32.72 1.18
C ILE A 400 16.19 33.71 1.11
N ASN A 401 15.21 33.54 2.00
CA ASN A 401 14.05 34.43 2.00
C ASN A 401 14.33 35.82 2.54
N LYS A 402 15.18 35.91 3.56
CA LYS A 402 15.50 37.20 4.17
C LYS A 402 16.59 37.98 3.45
N ARG A 403 17.64 37.28 3.05
CA ARG A 403 18.77 37.92 2.37
C ARG A 403 18.62 38.00 0.86
N PHE A 404 17.80 37.14 0.27
CA PHE A 404 17.65 37.16 -1.19
C PHE A 404 16.23 37.13 -1.73
N ASP A 405 15.28 37.60 -0.95
CA ASP A 405 13.88 37.65 -1.37
C ASP A 405 13.38 36.32 -1.93
N GLY A 406 13.86 35.22 -1.36
CA GLY A 406 13.44 33.90 -1.79
C GLY A 406 13.99 33.38 -3.10
N VAL A 407 14.94 34.10 -3.69
CA VAL A 407 15.51 33.66 -4.97
C VAL A 407 16.77 32.81 -4.81
N LEU A 408 16.76 31.63 -5.43
CA LEU A 408 17.89 30.72 -5.38
C LEU A 408 18.95 31.14 -6.40
N ALA A 409 20.19 30.74 -6.13
CA ALA A 409 21.33 31.04 -7.01
C ALA A 409 21.13 30.51 -8.42
N SER A 410 21.87 31.07 -9.37
CA SER A 410 21.76 30.66 -10.77
C SER A 410 22.65 29.50 -11.20
N GLU A 411 23.51 29.02 -10.29
CA GLU A 411 24.38 27.89 -10.58
C GLU A 411 24.52 27.01 -9.35
N LEU A 412 24.86 25.74 -9.55
CA LEU A 412 25.05 24.82 -8.45
C LEU A 412 26.42 25.11 -7.83
N ALA A 413 26.44 25.28 -6.51
CA ALA A 413 27.69 25.57 -5.81
C ALA A 413 28.60 24.35 -5.85
N ASP A 414 28.02 23.17 -5.94
CA ASP A 414 28.79 21.93 -5.97
C ASP A 414 28.15 20.89 -6.88
N PRO A 415 28.38 21.00 -8.19
CA PRO A 415 27.82 20.06 -9.18
C PRO A 415 28.14 18.60 -8.85
N GLN A 416 29.32 18.38 -8.27
CA GLN A 416 29.77 17.03 -7.89
C GLN A 416 28.81 16.37 -6.92
N LEU A 417 28.57 17.06 -5.81
CA LEU A 417 27.69 16.56 -4.76
C LEU A 417 26.28 16.34 -5.29
N TYR A 418 25.79 17.29 -6.09
CA TYR A 418 24.43 17.16 -6.63
C TYR A 418 24.35 15.90 -7.49
N LYS A 419 25.40 15.64 -8.27
CA LYS A 419 25.43 14.47 -9.13
C LYS A 419 25.41 13.19 -8.31
N THR A 420 26.03 13.24 -7.13
CA THR A 420 26.03 12.07 -6.26
C THR A 420 24.59 11.77 -5.87
N PHE A 421 23.83 12.82 -5.58
CA PHE A 421 22.43 12.67 -5.20
C PHE A 421 21.54 12.17 -6.34
N THR A 422 21.70 12.74 -7.53
CA THR A 422 20.88 12.31 -8.66
C THR A 422 21.31 10.93 -9.17
N ASP A 423 22.58 10.60 -9.02
CA ASP A 423 23.10 9.31 -9.46
C ASP A 423 22.45 8.18 -8.65
N ALA A 424 22.05 8.50 -7.42
CA ALA A 424 21.44 7.52 -6.53
C ALA A 424 20.02 7.12 -6.93
N ALA A 425 19.44 7.86 -7.87
CA ALA A 425 18.07 7.58 -8.31
C ALA A 425 17.91 6.14 -8.80
N GLU A 426 18.92 5.64 -9.51
CA GLU A 426 18.89 4.29 -10.04
C GLU A 426 18.70 3.23 -8.95
N VAL A 427 19.56 3.25 -7.95
CA VAL A 427 19.50 2.27 -6.86
C VAL A 427 18.26 2.45 -5.98
N ILE A 428 17.90 3.69 -5.69
CA ILE A 428 16.73 3.96 -4.86
C ILE A 428 15.45 3.55 -5.58
N GLY A 429 15.36 3.87 -6.87
CA GLY A 429 14.19 3.50 -7.63
C GLY A 429 14.06 1.98 -7.70
N GLU A 430 15.18 1.29 -7.92
CA GLU A 430 15.16 -0.16 -8.00
C GLU A 430 14.72 -0.74 -6.65
N ALA A 431 15.04 -0.03 -5.57
CA ALA A 431 14.65 -0.48 -4.24
C ALA A 431 13.15 -0.35 -4.04
N TRP A 432 12.55 0.76 -4.48
CA TRP A 432 11.10 0.93 -4.36
C TRP A 432 10.45 -0.15 -5.21
N GLU A 433 10.96 -0.32 -6.43
CA GLU A 433 10.43 -1.31 -7.38
C GLU A 433 10.43 -2.72 -6.83
N SER A 434 11.56 -3.13 -6.26
CA SER A 434 11.72 -4.49 -5.72
C SER A 434 11.12 -4.68 -4.33
N ARG A 435 10.50 -3.62 -3.81
CA ARG A 435 9.87 -3.67 -2.49
C ARG A 435 10.86 -3.73 -1.33
N GLU A 436 12.11 -3.39 -1.62
CA GLU A 436 13.13 -3.36 -0.58
C GLU A 436 13.06 -1.95 0.00
N PHE A 437 11.94 -1.63 0.63
CA PHE A 437 11.71 -0.30 1.19
C PHE A 437 12.76 0.11 2.22
N GLY A 438 13.14 -0.81 3.09
CA GLY A 438 14.13 -0.49 4.10
C GLY A 438 15.43 -0.04 3.45
N LYS A 439 15.81 -0.70 2.37
CA LYS A 439 17.03 -0.36 1.65
C LYS A 439 16.92 1.04 1.05
N ALA A 440 15.76 1.35 0.49
CA ALA A 440 15.53 2.67 -0.10
C ALA A 440 15.68 3.76 0.96
N VAL A 441 15.03 3.58 2.10
CA VAL A 441 15.10 4.56 3.17
C VAL A 441 16.54 4.73 3.68
N ARG A 442 17.25 3.63 3.88
CA ARG A 442 18.64 3.72 4.35
C ARG A 442 19.49 4.54 3.37
N GLU A 443 19.29 4.31 2.07
CA GLU A 443 20.04 5.04 1.04
C GLU A 443 19.67 6.52 1.08
N ILE A 444 18.38 6.81 1.24
CA ILE A 444 17.91 8.18 1.28
C ILE A 444 18.46 8.93 2.49
N MET A 445 18.46 8.27 3.64
CA MET A 445 18.95 8.90 4.86
C MET A 445 20.48 9.05 4.81
N ALA A 446 21.15 8.17 4.09
CA ALA A 446 22.61 8.26 3.94
C ALA A 446 22.89 9.55 3.17
N LEU A 447 22.06 9.82 2.17
CA LEU A 447 22.19 11.04 1.37
C LEU A 447 21.89 12.25 2.23
N ALA A 448 20.86 12.16 3.07
CA ALA A 448 20.48 13.27 3.94
C ALA A 448 21.68 13.61 4.85
N ASP A 449 22.35 12.59 5.38
CA ASP A 449 23.52 12.84 6.23
C ASP A 449 24.57 13.59 5.43
N LEU A 450 24.76 13.16 4.18
CA LEU A 450 25.73 13.79 3.30
C LEU A 450 25.40 15.26 3.10
N ALA A 451 24.12 15.56 2.85
CA ALA A 451 23.68 16.93 2.64
C ALA A 451 23.90 17.79 3.87
N ASN A 452 23.58 17.26 5.04
CA ASN A 452 23.76 18.01 6.28
C ASN A 452 25.25 18.19 6.61
N ARG A 453 26.08 17.26 6.17
CA ARG A 453 27.51 17.37 6.41
C ARG A 453 28.04 18.49 5.50
N TYR A 454 27.54 18.53 4.27
CA TYR A 454 27.94 19.57 3.32
C TYR A 454 27.65 20.93 3.96
N VAL A 455 26.43 21.08 4.46
CA VAL A 455 26.02 22.33 5.09
C VAL A 455 26.88 22.68 6.29
N ASP A 456 27.27 21.67 7.08
CA ASP A 456 28.11 21.92 8.25
C ASP A 456 29.49 22.42 7.83
N GLU A 457 30.07 21.75 6.83
CA GLU A 457 31.38 22.13 6.34
C GLU A 457 31.40 23.53 5.76
N GLN A 458 30.39 23.87 4.97
CA GLN A 458 30.30 25.18 4.36
C GLN A 458 29.97 26.24 5.41
N ALA A 459 29.30 25.81 6.48
CA ALA A 459 28.93 26.70 7.57
C ALA A 459 28.40 28.04 7.07
N PRO A 460 27.12 28.08 6.65
CA PRO A 460 26.50 29.31 6.16
C PRO A 460 26.32 30.39 7.22
N TRP A 461 26.13 29.97 8.46
CA TRP A 461 25.97 30.91 9.57
C TRP A 461 27.23 31.73 9.80
N VAL A 462 28.37 31.17 9.39
CA VAL A 462 29.65 31.85 9.52
C VAL A 462 29.80 32.79 8.33
N VAL A 463 29.50 32.29 7.15
CA VAL A 463 29.59 33.08 5.92
C VAL A 463 28.54 34.19 5.94
N ALA A 464 27.53 34.01 6.77
CA ALA A 464 26.44 34.98 6.88
C ALA A 464 26.88 36.30 7.52
N LYS A 465 27.70 36.21 8.57
CA LYS A 465 28.16 37.42 9.26
C LYS A 465 29.43 38.01 8.67
N GLN A 466 29.87 37.48 7.53
CA GLN A 466 31.06 37.98 6.86
C GLN A 466 30.66 38.89 5.71
N GLU A 467 30.61 40.20 5.99
CA GLU A 467 30.23 41.19 5.00
C GLU A 467 30.94 40.99 3.66
N GLY A 468 30.16 41.04 2.58
CA GLY A 468 30.72 40.85 1.26
C GLY A 468 30.74 39.41 0.78
N ARG A 469 30.05 38.54 1.50
CA ARG A 469 30.01 37.12 1.15
C ARG A 469 28.60 36.66 0.78
N ASP A 470 27.75 37.61 0.40
CA ASP A 470 26.36 37.31 0.04
C ASP A 470 26.26 36.26 -1.06
N ALA A 471 27.02 36.45 -2.14
CA ALA A 471 27.01 35.52 -3.26
C ALA A 471 27.33 34.10 -2.78
N ASP A 472 28.38 33.99 -1.98
CA ASP A 472 28.79 32.68 -1.46
C ASP A 472 27.69 32.08 -0.60
N LEU A 473 27.05 32.93 0.20
CA LEU A 473 25.97 32.48 1.08
C LEU A 473 24.80 31.91 0.28
N GLN A 474 24.34 32.67 -0.72
CA GLN A 474 23.22 32.23 -1.55
C GLN A 474 23.57 30.92 -2.25
N ALA A 475 24.83 30.78 -2.67
CA ALA A 475 25.26 29.57 -3.34
C ALA A 475 25.17 28.36 -2.41
N ILE A 476 25.63 28.55 -1.17
CA ILE A 476 25.60 27.48 -0.19
C ILE A 476 24.18 27.06 0.17
N CYS A 477 23.35 28.01 0.57
CA CYS A 477 21.97 27.74 0.97
C CYS A 477 21.07 27.25 -0.16
N SER A 478 21.34 27.68 -1.39
CA SER A 478 20.54 27.23 -2.52
C SER A 478 20.91 25.78 -2.78
N MET A 479 22.19 25.47 -2.59
CA MET A 479 22.71 24.13 -2.79
C MET A 479 21.97 23.19 -1.85
N GLY A 480 21.80 23.62 -0.61
CA GLY A 480 21.12 22.81 0.38
C GLY A 480 19.66 22.58 0.05
N ILE A 481 18.98 23.62 -0.44
CA ILE A 481 17.57 23.50 -0.80
C ILE A 481 17.43 22.57 -2.01
N ASN A 482 18.40 22.59 -2.91
CA ASN A 482 18.32 21.70 -4.06
C ASN A 482 18.53 20.25 -3.64
N LEU A 483 19.33 20.04 -2.59
CA LEU A 483 19.57 18.68 -2.11
C LEU A 483 18.27 18.19 -1.47
N PHE A 484 17.58 19.10 -0.80
CA PHE A 484 16.30 18.82 -0.14
C PHE A 484 15.27 18.42 -1.21
N ARG A 485 15.28 19.13 -2.34
CA ARG A 485 14.36 18.86 -3.44
C ARG A 485 14.53 17.41 -3.90
N VAL A 486 15.77 16.97 -4.05
CA VAL A 486 16.04 15.60 -4.49
C VAL A 486 15.56 14.59 -3.45
N LEU A 487 15.88 14.82 -2.18
CA LEU A 487 15.46 13.89 -1.12
C LEU A 487 13.94 13.76 -1.05
N MET A 488 13.22 14.88 -1.11
CA MET A 488 11.77 14.83 -1.04
C MET A 488 11.15 14.10 -2.23
N THR A 489 11.87 14.10 -3.36
CA THR A 489 11.38 13.41 -4.55
C THR A 489 11.45 11.90 -4.29
N TYR A 490 12.58 11.44 -3.72
CA TYR A 490 12.74 10.02 -3.43
C TYR A 490 11.75 9.58 -2.35
N LEU A 491 11.39 10.50 -1.44
CA LEU A 491 10.45 10.17 -0.38
C LEU A 491 8.98 10.44 -0.73
N LYS A 492 8.72 11.02 -1.89
CA LYS A 492 7.36 11.33 -2.28
C LYS A 492 6.38 10.16 -2.18
N PRO A 493 6.79 8.94 -2.54
CA PRO A 493 5.86 7.80 -2.44
C PRO A 493 5.49 7.47 -1.00
N VAL A 494 6.39 7.84 -0.08
CA VAL A 494 6.22 7.53 1.34
C VAL A 494 5.45 8.57 2.16
N LEU A 495 5.73 9.85 1.94
CA LEU A 495 5.11 10.94 2.70
C LEU A 495 4.32 11.91 1.84
N PRO A 496 3.10 11.52 1.43
CA PRO A 496 2.24 12.35 0.58
C PRO A 496 1.97 13.77 1.09
N LYS A 497 1.65 13.91 2.37
CA LYS A 497 1.35 15.23 2.90
C LYS A 497 2.56 16.14 3.07
N LEU A 498 3.64 15.62 3.63
CA LEU A 498 4.85 16.43 3.77
C LEU A 498 5.30 16.84 2.38
N THR A 499 5.15 15.94 1.41
CA THR A 499 5.57 16.24 0.05
C THR A 499 4.78 17.43 -0.50
N GLU A 500 3.48 17.47 -0.25
CA GLU A 500 2.66 18.59 -0.73
C GLU A 500 3.16 19.89 -0.09
N ARG A 501 3.48 19.83 1.20
CA ARG A 501 3.96 21.00 1.90
C ARG A 501 5.30 21.45 1.33
N ALA A 502 6.14 20.47 0.97
CA ALA A 502 7.45 20.76 0.40
C ALA A 502 7.29 21.37 -0.99
N GLU A 503 6.33 20.86 -1.76
CA GLU A 503 6.09 21.37 -3.11
C GLU A 503 5.59 22.82 -3.07
N ALA A 504 4.80 23.14 -2.04
CA ALA A 504 4.29 24.50 -1.89
C ALA A 504 5.46 25.43 -1.59
N PHE A 505 6.37 24.98 -0.73
CA PHE A 505 7.55 25.75 -0.37
C PHE A 505 8.48 25.96 -1.57
N LEU A 506 8.74 24.88 -2.31
CA LEU A 506 9.62 24.95 -3.46
C LEU A 506 8.98 25.56 -4.71
N ASN A 507 7.67 25.75 -4.71
CA ASN A 507 6.98 26.30 -5.88
C ASN A 507 7.22 25.38 -7.07
N THR A 508 7.20 24.07 -6.83
CA THR A 508 7.43 23.11 -7.89
C THR A 508 6.80 21.76 -7.56
N GLU A 509 6.29 21.08 -8.59
CA GLU A 509 5.74 19.76 -8.42
C GLU A 509 6.96 18.84 -8.51
N LEU A 510 7.06 17.85 -7.64
CA LEU A 510 8.20 16.95 -7.67
C LEU A 510 7.99 15.74 -8.57
N THR A 511 8.81 15.63 -9.62
CA THR A 511 8.74 14.50 -10.53
C THR A 511 10.07 13.77 -10.46
N TRP A 512 10.05 12.47 -10.77
CA TRP A 512 11.24 11.65 -10.72
C TRP A 512 12.37 12.15 -11.62
N ASP A 513 12.03 12.53 -12.85
CA ASP A 513 13.05 13.02 -13.79
C ASP A 513 13.40 14.49 -13.57
N GLY A 514 12.53 15.20 -12.86
CA GLY A 514 12.76 16.62 -12.61
C GLY A 514 14.03 16.93 -11.85
N ILE A 515 14.53 15.98 -11.05
CA ILE A 515 15.74 16.22 -10.28
C ILE A 515 16.97 16.46 -11.15
N GLN A 516 16.89 16.06 -12.41
CA GLN A 516 18.01 16.25 -13.33
C GLN A 516 18.21 17.74 -13.62
N GLN A 517 17.19 18.53 -13.33
CA GLN A 517 17.23 19.98 -13.54
C GLN A 517 17.05 20.72 -12.23
N PRO A 518 18.16 21.04 -11.54
CA PRO A 518 18.03 21.75 -10.26
C PRO A 518 17.33 23.11 -10.42
N LEU A 519 16.77 23.61 -9.32
CA LEU A 519 16.07 24.88 -9.33
C LEU A 519 17.09 26.02 -9.30
N LEU A 520 17.15 26.78 -10.39
CA LEU A 520 18.09 27.90 -10.52
C LEU A 520 17.35 29.20 -10.78
N GLY A 521 17.79 30.30 -10.15
CA GLY A 521 17.14 31.59 -10.32
C GLY A 521 15.66 31.38 -10.16
N HIS A 522 15.34 30.60 -9.13
CA HIS A 522 13.99 30.17 -8.81
C HIS A 522 13.50 30.74 -7.48
N LYS A 523 12.28 31.24 -7.45
CA LYS A 523 11.69 31.80 -6.24
C LYS A 523 10.98 30.75 -5.38
N VAL A 524 11.38 30.65 -4.12
CA VAL A 524 10.76 29.72 -3.19
C VAL A 524 9.91 30.56 -2.25
N ASN A 525 8.95 29.93 -1.58
CA ASN A 525 8.07 30.65 -0.67
C ASN A 525 8.46 30.45 0.78
N PRO A 526 8.06 31.39 1.66
CA PRO A 526 8.38 31.24 3.08
C PRO A 526 7.51 30.09 3.55
N PHE A 527 7.91 29.41 4.61
CA PHE A 527 7.09 28.30 5.08
C PHE A 527 7.08 28.16 6.59
N LYS A 528 5.94 27.74 7.11
CA LYS A 528 5.80 27.50 8.53
C LYS A 528 6.35 26.08 8.67
N ALA A 529 6.67 25.68 9.90
CA ALA A 529 7.20 24.35 10.14
C ALA A 529 6.61 23.31 9.19
N LEU A 530 7.47 22.59 8.48
CA LEU A 530 7.04 21.56 7.55
C LEU A 530 6.67 20.29 8.30
N TYR A 531 7.29 20.09 9.46
CA TYR A 531 7.02 18.90 10.25
C TYR A 531 7.50 19.09 11.68
N ASN A 532 6.57 19.04 12.63
CA ASN A 532 6.91 19.23 14.04
C ASN A 532 7.32 17.92 14.71
N ARG A 533 8.20 18.03 15.70
CA ARG A 533 8.67 16.86 16.44
C ARG A 533 7.50 16.27 17.22
N ILE A 534 7.56 14.97 17.46
CA ILE A 534 6.53 14.29 18.24
C ILE A 534 7.17 13.87 19.56
N ASP A 535 6.36 13.53 20.55
CA ASP A 535 6.90 13.14 21.84
C ASP A 535 6.21 11.93 22.47
N MET A 536 6.86 11.35 23.47
CA MET A 536 6.33 10.18 24.15
C MET A 536 5.00 10.40 24.85
N ARG A 537 4.71 11.64 25.21
CA ARG A 537 3.43 11.92 25.87
C ARG A 537 2.29 11.63 24.91
N GLN A 538 2.52 11.83 23.62
CA GLN A 538 1.50 11.55 22.61
C GLN A 538 1.32 10.04 22.49
N VAL A 539 2.40 9.30 22.63
CA VAL A 539 2.32 7.84 22.56
C VAL A 539 1.54 7.36 23.77
N GLU A 540 1.82 7.93 24.94
CA GLU A 540 1.11 7.54 26.15
C GLU A 540 -0.39 7.79 26.01
N ALA A 541 -0.74 8.92 25.40
CA ALA A 541 -2.14 9.27 25.20
C ALA A 541 -2.82 8.29 24.25
N LEU A 542 -2.11 7.91 23.19
CA LEU A 542 -2.63 6.96 22.21
C LEU A 542 -2.94 5.60 22.87
N VAL A 543 -1.98 5.10 23.65
CA VAL A 543 -2.15 3.83 24.33
C VAL A 543 -3.29 3.88 25.33
N GLU A 544 -3.37 4.96 26.10
CA GLU A 544 -4.46 5.11 27.07
C GLU A 544 -5.80 5.18 26.36
N ALA A 545 -5.86 5.93 25.27
CA ALA A 545 -7.11 6.02 24.51
C ALA A 545 -7.50 4.65 23.99
N SER A 546 -6.52 3.88 23.54
CA SER A 546 -6.80 2.56 22.99
C SER A 546 -7.29 1.58 24.05
N LYS A 547 -6.85 1.76 25.28
CA LYS A 547 -7.30 0.89 26.37
C LYS A 547 -8.77 1.18 26.65
N GLU A 548 -9.10 2.46 26.71
CA GLU A 548 -10.46 2.93 26.99
C GLU A 548 -11.52 2.48 25.98
N GLU A 549 -11.09 2.24 24.75
CA GLU A 549 -12.02 1.81 23.70
C GLU A 549 -12.45 0.37 23.88
N VAL A 550 -11.55 -0.45 24.41
CA VAL A 550 -11.83 -1.88 24.61
C VAL A 550 -12.92 -2.09 25.65
#